data_2MIH
#
_entry.id   2MIH
#
_entity_poly.entity_id   1
_entity_poly.type   'polypeptide(L)'
_entity_poly.pdbx_seq_one_letter_code
;HQVPSGPNPLHNKK
;
_entity_poly.pdbx_strand_id   A
#
# COMPACT_ATOMS: atom_id res chain seq x y z
N HIS A 1 5.07 -3.47 1.08
CA HIS A 1 4.46 -2.40 0.24
C HIS A 1 3.87 -2.99 -1.03
N GLN A 2 2.62 -3.47 -0.94
CA GLN A 2 1.97 -4.15 -2.05
C GLN A 2 1.51 -3.17 -3.13
N VAL A 3 0.28 -2.64 -2.99
CA VAL A 3 -0.29 -1.75 -4.01
C VAL A 3 -0.72 -0.41 -3.41
N PRO A 4 0.25 0.44 -3.06
CA PRO A 4 0.00 1.79 -2.54
C PRO A 4 -0.03 2.87 -3.62
N SER A 5 -0.18 4.09 -3.14
CA SER A 5 -0.01 5.28 -3.94
C SER A 5 0.67 6.34 -3.08
N GLY A 6 1.54 5.85 -2.21
CA GLY A 6 2.18 6.69 -1.22
C GLY A 6 3.08 5.87 -0.31
N PRO A 7 3.35 6.33 0.92
CA PRO A 7 4.28 5.67 1.84
C PRO A 7 3.68 4.50 2.61
N ASN A 8 2.50 4.05 2.22
CA ASN A 8 1.89 2.89 2.84
C ASN A 8 0.84 2.31 1.90
N PRO A 9 0.82 0.98 1.75
CA PRO A 9 -0.13 0.29 0.87
C PRO A 9 -1.56 0.55 1.28
N LEU A 10 -2.31 1.15 0.37
CA LEU A 10 -3.69 1.49 0.65
C LEU A 10 -4.61 0.31 0.40
N HIS A 11 -4.00 -0.81 0.05
CA HIS A 11 -4.72 -2.03 -0.28
C HIS A 11 -3.78 -3.21 -0.14
N ASN A 12 -4.34 -4.39 0.10
CA ASN A 12 -3.57 -5.61 0.34
C ASN A 12 -2.86 -5.51 1.68
N LYS A 13 -3.39 -4.64 2.54
CA LYS A 13 -2.87 -4.44 3.89
C LYS A 13 -1.53 -3.71 3.88
N LYS A 14 -0.45 -4.42 3.59
CA LYS A 14 0.89 -3.83 3.60
C LYS A 14 1.85 -4.66 2.76
N HIS A 1 6.67 -1.13 -0.51
CA HIS A 1 5.32 -1.69 -0.22
C HIS A 1 4.86 -2.54 -1.39
N GLN A 2 3.66 -3.10 -1.32
CA GLN A 2 3.12 -3.87 -2.44
C GLN A 2 2.80 -2.97 -3.64
N VAL A 3 1.56 -2.48 -3.72
CA VAL A 3 1.18 -1.56 -4.80
C VAL A 3 0.26 -0.45 -4.28
N PRO A 4 0.82 0.52 -3.54
CA PRO A 4 0.12 1.71 -3.09
C PRO A 4 0.35 2.90 -3.99
N SER A 5 -0.08 4.06 -3.53
CA SER A 5 0.20 5.31 -4.21
C SER A 5 0.91 6.25 -3.24
N GLY A 6 1.64 5.65 -2.30
CA GLY A 6 2.32 6.39 -1.26
C GLY A 6 2.77 5.48 -0.13
N PRO A 7 2.20 5.66 1.08
CA PRO A 7 2.47 4.78 2.24
C PRO A 7 2.01 3.35 2.02
N ASN A 8 1.34 2.77 3.02
CA ASN A 8 0.97 1.35 3.01
C ASN A 8 0.19 1.00 1.76
N PRO A 9 0.23 -0.29 1.33
CA PRO A 9 -0.37 -0.76 0.06
C PRO A 9 -1.87 -0.50 -0.04
N LEU A 10 -2.21 0.78 -0.21
CA LEU A 10 -3.59 1.24 -0.34
C LEU A 10 -4.48 0.72 0.79
N HIS A 11 -3.83 0.34 1.89
CA HIS A 11 -4.49 -0.22 3.07
C HIS A 11 -5.44 -1.36 2.72
N ASN A 12 -5.07 -2.13 1.70
CA ASN A 12 -5.76 -3.39 1.44
C ASN A 12 -4.76 -4.52 1.67
N LYS A 13 -3.53 -4.10 2.00
CA LYS A 13 -2.42 -5.01 2.24
C LYS A 13 -1.38 -4.28 3.07
N LYS A 14 -0.35 -5.02 3.50
CA LYS A 14 0.77 -4.43 4.22
C LYS A 14 1.92 -5.42 4.30
N HIS A 1 6.03 -2.10 0.64
CA HIS A 1 4.97 -1.41 -0.14
C HIS A 1 4.50 -2.29 -1.29
N GLN A 2 3.53 -3.16 -0.99
CA GLN A 2 2.99 -4.10 -1.96
C GLN A 2 2.45 -3.40 -3.20
N VAL A 3 1.22 -2.90 -3.14
CA VAL A 3 0.65 -2.13 -4.24
C VAL A 3 -0.05 -0.88 -3.71
N PRO A 4 0.71 0.12 -3.30
CA PRO A 4 0.18 1.37 -2.78
C PRO A 4 0.13 2.48 -3.83
N SER A 5 -0.42 3.61 -3.43
CA SER A 5 -0.42 4.80 -4.26
C SER A 5 0.24 5.93 -3.47
N GLY A 6 1.33 5.59 -2.81
CA GLY A 6 2.02 6.54 -1.95
C GLY A 6 2.48 5.90 -0.66
N PRO A 7 2.44 6.65 0.46
CA PRO A 7 2.87 6.18 1.77
C PRO A 7 2.04 5.01 2.29
N ASN A 8 2.73 4.07 2.93
CA ASN A 8 2.15 2.82 3.44
C ASN A 8 1.60 1.96 2.31
N PRO A 9 1.73 0.63 2.40
CA PRO A 9 1.08 -0.25 1.45
C PRO A 9 -0.41 -0.19 1.70
N LEU A 10 -1.10 0.61 0.89
CA LEU A 10 -2.48 0.96 1.17
C LEU A 10 -3.31 -0.28 1.47
N HIS A 11 -4.17 -0.17 2.48
CA HIS A 11 -4.92 -1.32 2.99
C HIS A 11 -5.62 -2.08 1.87
N ASN A 12 -5.69 -3.40 2.03
CA ASN A 12 -6.23 -4.32 1.03
C ASN A 12 -5.19 -4.56 -0.07
N LYS A 13 -4.06 -3.87 0.04
CA LYS A 13 -2.94 -4.05 -0.88
C LYS A 13 -1.62 -3.94 -0.13
N LYS A 14 -1.54 -4.59 1.03
CA LYS A 14 -0.37 -4.50 1.87
C LYS A 14 0.20 -5.88 2.15
N HIS A 1 5.49 -2.81 0.60
CA HIS A 1 4.71 -1.83 -0.21
C HIS A 1 4.21 -2.48 -1.49
N GLN A 2 3.08 -3.19 -1.38
CA GLN A 2 2.51 -3.95 -2.49
C GLN A 2 2.07 -3.05 -3.65
N VAL A 3 0.88 -2.48 -3.54
CA VAL A 3 0.36 -1.59 -4.58
C VAL A 3 -0.09 -0.25 -3.99
N PRO A 4 0.88 0.55 -3.51
CA PRO A 4 0.61 1.81 -2.80
C PRO A 4 0.39 2.99 -3.72
N SER A 5 -0.04 4.09 -3.11
CA SER A 5 -0.18 5.36 -3.79
C SER A 5 0.31 6.44 -2.83
N GLY A 6 1.36 6.10 -2.09
CA GLY A 6 1.86 6.96 -1.05
C GLY A 6 2.80 6.20 -0.13
N PRO A 7 3.05 6.71 1.09
CA PRO A 7 3.98 6.10 2.04
C PRO A 7 3.44 4.84 2.71
N ASN A 8 2.41 4.24 2.13
CA ASN A 8 1.87 2.98 2.64
C ASN A 8 1.12 2.28 1.54
N PRO A 9 1.00 0.94 1.62
CA PRO A 9 0.34 0.15 0.58
C PRO A 9 -1.14 0.41 0.55
N LEU A 10 -1.68 0.60 -0.64
CA LEU A 10 -3.09 0.93 -0.78
C LEU A 10 -3.93 -0.36 -0.70
N HIS A 11 -3.73 -1.09 0.38
CA HIS A 11 -4.37 -2.38 0.62
C HIS A 11 -4.32 -2.70 2.10
N ASN A 12 -5.46 -3.11 2.62
CA ASN A 12 -5.51 -3.65 3.97
C ASN A 12 -4.73 -4.95 3.98
N LYS A 13 -4.49 -5.47 2.79
CA LYS A 13 -3.64 -6.65 2.61
C LYS A 13 -2.21 -6.19 2.37
N LYS A 14 -1.56 -5.75 3.44
CA LYS A 14 -0.20 -5.23 3.36
C LYS A 14 0.81 -6.25 3.87
N HIS A 1 6.28 -2.05 -0.59
CA HIS A 1 4.86 -2.33 -0.30
C HIS A 1 4.25 -3.11 -1.46
N GLN A 2 2.95 -3.39 -1.42
CA GLN A 2 2.29 -4.03 -2.56
C GLN A 2 2.05 -3.03 -3.70
N VAL A 3 0.88 -2.38 -3.71
CA VAL A 3 0.53 -1.41 -4.77
C VAL A 3 -0.06 -0.13 -4.16
N PRO A 4 0.81 0.72 -3.58
CA PRO A 4 0.40 1.92 -2.84
C PRO A 4 0.24 3.18 -3.70
N SER A 5 -0.17 4.23 -3.02
CA SER A 5 -0.16 5.59 -3.55
C SER A 5 0.57 6.48 -2.55
N GLY A 6 1.34 5.83 -1.69
CA GLY A 6 2.04 6.49 -0.61
C GLY A 6 2.78 5.48 0.25
N PRO A 7 3.12 5.83 1.49
CA PRO A 7 3.87 4.95 2.41
C PRO A 7 3.02 3.83 3.00
N ASN A 8 2.11 3.27 2.21
CA ASN A 8 1.34 2.12 2.62
C ASN A 8 0.58 1.55 1.43
N PRO A 9 0.56 0.22 1.28
CA PRO A 9 -0.04 -0.44 0.12
C PRO A 9 -1.54 -0.27 0.11
N LEU A 10 -2.05 0.22 -1.01
CA LEU A 10 -3.47 0.57 -1.12
C LEU A 10 -4.37 -0.61 -0.79
N HIS A 11 -4.97 -0.57 0.39
CA HIS A 11 -5.95 -1.58 0.83
C HIS A 11 -5.34 -2.97 0.93
N ASN A 12 -4.06 -3.01 1.28
CA ASN A 12 -3.41 -4.27 1.63
C ASN A 12 -2.90 -4.16 3.05
N LYS A 13 -3.20 -3.00 3.66
CA LYS A 13 -2.70 -2.65 4.98
C LYS A 13 -1.17 -2.48 4.96
N LYS A 14 -0.47 -3.59 4.84
CA LYS A 14 0.98 -3.62 4.83
C LYS A 14 1.46 -5.04 4.59
N HIS A 1 5.94 -2.83 0.30
CA HIS A 1 5.00 -1.85 -0.28
C HIS A 1 4.21 -2.47 -1.43
N GLN A 2 3.21 -3.26 -1.10
CA GLN A 2 2.38 -3.91 -2.10
C GLN A 2 1.16 -3.06 -2.45
N VAL A 3 1.09 -2.65 -3.71
CA VAL A 3 -0.03 -1.86 -4.24
C VAL A 3 -0.39 -0.68 -3.32
N PRO A 4 0.55 0.25 -3.11
CA PRO A 4 0.33 1.45 -2.28
C PRO A 4 -0.54 2.51 -2.94
N SER A 5 -1.10 3.36 -2.09
CA SER A 5 -1.79 4.57 -2.52
C SER A 5 -1.02 5.76 -1.97
N GLY A 6 0.23 5.49 -1.63
CA GLY A 6 1.10 6.47 -1.01
C GLY A 6 2.37 5.81 -0.52
N PRO A 7 3.04 6.35 0.51
CA PRO A 7 4.26 5.77 1.06
C PRO A 7 3.98 4.60 2.01
N ASN A 8 3.09 3.72 1.59
CA ASN A 8 2.68 2.56 2.39
C ASN A 8 1.73 1.71 1.57
N PRO A 9 1.76 0.36 1.72
CA PRO A 9 0.86 -0.54 0.99
C PRO A 9 -0.61 -0.29 1.33
N LEU A 10 -1.12 0.80 0.80
CA LEU A 10 -2.45 1.30 1.15
C LEU A 10 -3.54 0.81 0.20
N HIS A 11 -3.47 -0.47 -0.16
CA HIS A 11 -4.54 -1.09 -0.94
C HIS A 11 -4.44 -2.60 -0.83
N ASN A 12 -3.23 -3.09 -0.63
CA ASN A 12 -3.04 -4.51 -0.32
C ASN A 12 -3.42 -4.75 1.14
N LYS A 13 -3.88 -3.68 1.80
CA LYS A 13 -4.21 -3.71 3.22
C LYS A 13 -3.01 -4.12 4.06
N LYS A 14 -1.84 -3.61 3.66
CA LYS A 14 -0.54 -3.89 4.30
C LYS A 14 -0.47 -5.30 4.90
N HIS A 1 5.77 -2.84 0.49
CA HIS A 1 4.75 -1.86 0.07
C HIS A 1 3.91 -2.39 -1.07
N GLN A 2 2.79 -3.02 -0.74
CA GLN A 2 1.90 -3.61 -1.74
C GLN A 2 0.92 -2.59 -2.31
N VAL A 3 1.05 -2.36 -3.62
CA VAL A 3 0.13 -1.51 -4.40
C VAL A 3 -0.23 -0.20 -3.68
N PRO A 4 0.77 0.62 -3.32
CA PRO A 4 0.57 1.87 -2.60
C PRO A 4 0.34 3.07 -3.52
N SER A 5 -0.37 4.06 -3.01
CA SER A 5 -0.53 5.33 -3.70
C SER A 5 0.34 6.39 -3.02
N GLY A 6 1.29 5.91 -2.23
CA GLY A 6 2.17 6.77 -1.49
C GLY A 6 3.07 5.99 -0.56
N PRO A 7 3.46 6.56 0.59
CA PRO A 7 4.37 5.90 1.53
C PRO A 7 3.67 4.89 2.44
N ASN A 8 2.68 4.20 1.90
CA ASN A 8 1.95 3.18 2.67
C ASN A 8 1.17 2.30 1.72
N PRO A 9 1.18 0.96 1.94
CA PRO A 9 0.50 0.02 1.05
C PRO A 9 -1.00 0.26 1.02
N LEU A 10 -1.53 0.52 -0.17
CA LEU A 10 -2.93 0.84 -0.30
C LEU A 10 -3.77 -0.44 -0.24
N HIS A 11 -4.34 -0.70 0.93
CA HIS A 11 -5.15 -1.90 1.15
C HIS A 11 -4.30 -3.16 0.99
N ASN A 12 -4.95 -4.27 0.65
CA ASN A 12 -4.28 -5.57 0.48
C ASN A 12 -3.83 -6.12 1.83
N LYS A 13 -4.13 -5.38 2.90
CA LYS A 13 -3.68 -5.73 4.24
C LYS A 13 -2.15 -5.76 4.27
N LYS A 14 -1.55 -4.79 3.57
CA LYS A 14 -0.10 -4.68 3.37
C LYS A 14 0.53 -6.04 3.08
N HIS A 1 5.01 -3.29 0.80
CA HIS A 1 4.33 -2.19 0.07
C HIS A 1 3.80 -2.69 -1.26
N GLN A 2 2.63 -3.32 -1.20
CA GLN A 2 2.02 -3.99 -2.35
C GLN A 2 1.68 -3.00 -3.48
N VAL A 3 0.54 -2.32 -3.34
CA VAL A 3 0.06 -1.41 -4.37
C VAL A 3 -0.33 -0.05 -3.79
N PRO A 4 0.65 0.71 -3.29
CA PRO A 4 0.42 2.00 -2.66
C PRO A 4 0.39 3.17 -3.64
N SER A 5 -0.27 4.24 -3.24
CA SER A 5 -0.22 5.51 -3.96
C SER A 5 0.50 6.51 -3.06
N GLY A 6 1.19 5.97 -2.07
CA GLY A 6 1.89 6.77 -1.10
C GLY A 6 2.81 5.90 -0.25
N PRO A 7 3.29 6.41 0.89
CA PRO A 7 4.21 5.67 1.77
C PRO A 7 3.53 4.59 2.59
N ASN A 8 2.55 3.90 2.01
CA ASN A 8 1.85 2.81 2.70
C ASN A 8 0.94 2.08 1.72
N PRO A 9 0.99 0.72 1.72
CA PRO A 9 0.20 -0.09 0.79
C PRO A 9 -1.29 0.23 0.87
N LEU A 10 -1.79 0.83 -0.21
CA LEU A 10 -3.19 1.22 -0.28
C LEU A 10 -4.04 -0.02 -0.54
N HIS A 11 -4.66 -0.54 0.52
CA HIS A 11 -5.43 -1.78 0.46
C HIS A 11 -4.53 -2.99 0.30
N ASN A 12 -5.07 -4.16 0.65
CA ASN A 12 -4.32 -5.43 0.66
C ASN A 12 -3.33 -5.45 1.83
N LYS A 13 -3.23 -4.31 2.52
CA LYS A 13 -2.45 -4.17 3.75
C LYS A 13 -0.96 -4.44 3.51
N LYS A 14 -0.22 -4.64 4.59
CA LYS A 14 1.20 -4.90 4.51
C LYS A 14 1.49 -6.33 4.93
N HIS A 1 5.29 -3.14 0.15
CA HIS A 1 4.35 -2.06 -0.26
C HIS A 1 3.54 -2.50 -1.47
N GLN A 2 2.49 -3.28 -1.23
CA GLN A 2 1.65 -3.80 -2.30
C GLN A 2 0.68 -2.73 -2.83
N VAL A 3 0.85 -2.41 -4.11
CA VAL A 3 -0.02 -1.46 -4.84
C VAL A 3 -0.43 -0.24 -4.00
N PRO A 4 0.53 0.60 -3.62
CA PRO A 4 0.26 1.83 -2.89
C PRO A 4 0.15 3.04 -3.82
N SER A 5 -0.24 4.17 -3.25
CA SER A 5 -0.25 5.42 -3.97
C SER A 5 0.44 6.47 -3.10
N GLY A 6 1.39 5.98 -2.31
CA GLY A 6 2.09 6.81 -1.36
C GLY A 6 2.64 5.98 -0.22
N PRO A 7 2.88 6.59 0.94
CA PRO A 7 3.42 5.89 2.12
C PRO A 7 2.49 4.79 2.63
N ASN A 8 2.98 3.55 2.50
CA ASN A 8 2.33 2.35 3.05
C ASN A 8 1.34 1.80 2.04
N PRO A 9 1.36 0.46 1.84
CA PRO A 9 0.48 -0.22 0.88
C PRO A 9 -0.92 0.31 0.99
N LEU A 10 -1.45 0.82 -0.12
CA LEU A 10 -2.70 1.55 -0.07
C LEU A 10 -3.87 0.62 0.20
N HIS A 11 -3.62 -0.65 -0.02
CA HIS A 11 -4.61 -1.70 0.17
C HIS A 11 -3.94 -3.06 0.14
N ASN A 12 -4.74 -4.11 0.32
CA ASN A 12 -4.24 -5.48 0.42
C ASN A 12 -3.42 -5.63 1.70
N LYS A 13 -3.71 -4.76 2.66
CA LYS A 13 -3.08 -4.78 3.99
C LYS A 13 -1.57 -4.59 3.89
N LYS A 14 -0.88 -4.84 4.98
CA LYS A 14 0.57 -4.73 5.03
C LYS A 14 1.16 -5.99 5.66
N HIS A 1 5.77 -2.93 -0.34
CA HIS A 1 4.67 -1.95 -0.50
C HIS A 1 3.82 -2.31 -1.72
N GLN A 2 2.74 -3.02 -1.49
CA GLN A 2 1.88 -3.50 -2.57
C GLN A 2 0.98 -2.39 -3.13
N VAL A 3 1.29 -1.99 -4.37
CA VAL A 3 0.55 -0.95 -5.12
C VAL A 3 -0.06 0.15 -4.24
N PRO A 4 0.78 0.94 -3.55
CA PRO A 4 0.33 2.01 -2.67
C PRO A 4 0.06 3.32 -3.38
N SER A 5 1.08 3.87 -4.04
CA SER A 5 1.06 5.25 -4.49
C SER A 5 0.99 6.16 -3.26
N GLY A 6 1.78 5.80 -2.26
CA GLY A 6 1.79 6.50 -0.99
C GLY A 6 2.76 5.87 -0.01
N PRO A 7 2.72 6.29 1.27
CA PRO A 7 3.67 5.81 2.28
C PRO A 7 3.27 4.49 2.92
N ASN A 8 2.29 3.82 2.32
CA ASN A 8 1.84 2.52 2.81
C ASN A 8 0.98 1.86 1.75
N PRO A 9 1.04 0.52 1.65
CA PRO A 9 0.27 -0.23 0.63
C PRO A 9 -1.23 -0.08 0.82
N LEU A 10 -1.86 0.50 -0.19
CA LEU A 10 -3.29 0.79 -0.13
C LEU A 10 -4.12 -0.49 -0.26
N HIS A 11 -4.81 -0.84 0.82
CA HIS A 11 -5.69 -2.01 0.88
C HIS A 11 -4.90 -3.32 0.85
N ASN A 12 -5.54 -4.38 1.34
CA ASN A 12 -4.93 -5.71 1.45
C ASN A 12 -3.88 -5.70 2.56
N LYS A 13 -3.94 -4.63 3.38
CA LYS A 13 -3.04 -4.45 4.52
C LYS A 13 -1.58 -4.34 4.07
N LYS A 14 -0.67 -4.29 5.04
CA LYS A 14 0.75 -4.16 4.73
C LYS A 14 1.41 -5.53 4.83
#